data_7PED
#
_entry.id   7PED
#
_cell.length_a   50.862
_cell.length_b   99.014
_cell.length_c   68.245
_cell.angle_alpha   90.000
_cell.angle_beta   109.680
_cell.angle_gamma   90.000
#
_symmetry.space_group_name_H-M   'P 1 21 1'
#
loop_
_entity.id
_entity.type
_entity.pdbx_description
1 polymer 'DEP domain-containing mTOR-interacting protein'
2 water water
#
_entity_poly.entity_id   1
_entity_poly.type   'polypeptide(L)'
_entity_poly.pdbx_seq_one_letter_code
;MEEGGSTGSAGSDSSTSGSGGAQQRELERMAEVLVTGEQLRLRLHEEKVIKDRRHHLKTYPNCFVAKELIDWLIEHKEAS
DRETAIKLMQKLADRGIIHHVCDEHKEFKDVKLFYRFRKDDGTFPLDNEVKAFMRGQRLYEKLMSPENTLLQPREEEGVK
YERTFMASEFLDWLVQEGEATTRKEAEQLCHRLMEHGIIQHVSSKHPFVDSNLLYQFRMNFRRRRRLMEL
;
_entity_poly.pdbx_strand_id   B,A
#
# COMPACT_ATOMS: atom_id res chain seq x y z
N GLY A 20 26.88 15.81 1.89
CA GLY A 20 25.55 15.28 2.15
C GLY A 20 24.81 16.16 3.12
N GLY A 21 25.33 16.32 4.32
CA GLY A 21 24.72 17.30 5.17
C GLY A 21 23.51 16.77 5.91
N ALA A 22 22.70 17.73 6.36
CA ALA A 22 21.54 17.40 7.18
C ALA A 22 20.57 16.50 6.41
N GLN A 23 20.36 16.77 5.12
CA GLN A 23 19.41 15.96 4.36
C GLN A 23 19.83 14.49 4.35
N GLN A 24 21.11 14.22 4.06
CA GLN A 24 21.55 12.83 3.98
C GLN A 24 21.52 12.17 5.35
N ARG A 25 21.91 12.90 6.40
CA ARG A 25 21.86 12.32 7.73
C ARG A 25 20.45 11.88 8.09
N GLU A 26 19.45 12.73 7.84
CA GLU A 26 18.08 12.41 8.23
C GLU A 26 17.47 11.34 7.33
N LEU A 27 17.81 11.34 6.03
CA LEU A 27 17.33 10.28 5.15
C LEU A 27 17.98 8.95 5.50
N GLU A 28 19.25 8.97 5.92
CA GLU A 28 19.88 7.75 6.42
C GLU A 28 19.15 7.25 7.67
N ARG A 29 18.85 8.14 8.61
CA ARG A 29 18.09 7.74 9.79
C ARG A 29 16.77 7.08 9.39
N MET A 30 16.09 7.64 8.39
CA MET A 30 14.80 7.09 7.99
C MET A 30 14.95 5.73 7.33
N ALA A 31 15.96 5.57 6.49
CA ALA A 31 16.00 4.46 5.54
C ALA A 31 16.87 3.30 5.98
N GLU A 32 17.99 3.54 6.65
CA GLU A 32 18.98 2.49 6.83
C GLU A 32 18.45 1.37 7.72
N VAL A 33 17.73 1.71 8.79
CA VAL A 33 17.20 0.66 9.65
C VAL A 33 16.20 -0.19 8.90
N LEU A 34 15.44 0.42 7.98
CA LEU A 34 14.50 -0.34 7.18
C LEU A 34 15.24 -1.29 6.24
N VAL A 35 16.33 -0.82 5.63
CA VAL A 35 17.12 -1.66 4.74
C VAL A 35 17.77 -2.81 5.51
N THR A 36 18.49 -2.48 6.58
CA THR A 36 19.19 -3.48 7.37
C THR A 36 18.19 -4.43 8.04
N GLY A 37 17.05 -3.90 8.49
CA GLY A 37 16.03 -4.76 9.08
C GLY A 37 15.46 -5.77 8.09
N GLU A 38 15.28 -5.35 6.84
CA GLU A 38 14.81 -6.28 5.83
C GLU A 38 15.85 -7.35 5.54
N GLN A 39 17.13 -6.96 5.46
CA GLN A 39 18.21 -7.92 5.29
C GLN A 39 18.18 -8.98 6.38
N LEU A 40 17.93 -8.57 7.63
CA LEU A 40 17.83 -9.52 8.72
C LEU A 40 16.65 -10.46 8.52
N ARG A 41 15.48 -9.92 8.16
CA ARG A 41 14.31 -10.78 7.98
C ARG A 41 14.59 -11.90 6.99
N LEU A 42 15.21 -11.57 5.85
CA LEU A 42 15.52 -12.57 4.84
C LEU A 42 16.48 -13.62 5.40
N ARG A 43 17.50 -13.17 6.11
CA ARG A 43 18.46 -14.11 6.69
C ARG A 43 17.78 -15.04 7.68
N LEU A 44 16.86 -14.51 8.49
CA LEU A 44 16.21 -15.34 9.49
C LEU A 44 15.24 -16.34 8.88
N HIS A 45 14.62 -16.02 7.74
CA HIS A 45 13.83 -17.02 7.04
C HIS A 45 14.71 -18.15 6.50
N GLU A 46 15.81 -17.78 5.83
CA GLU A 46 16.71 -18.79 5.29
C GLU A 46 17.19 -19.74 6.38
N GLU A 47 17.41 -19.22 7.59
CA GLU A 47 17.96 -20.00 8.69
C GLU A 47 16.87 -20.61 9.59
N LYS A 48 15.61 -20.46 9.21
CA LYS A 48 14.49 -21.05 9.93
C LYS A 48 14.33 -20.50 11.35
N VAL A 49 14.96 -19.38 11.68
CA VAL A 49 14.68 -18.77 12.98
C VAL A 49 13.27 -18.21 13.02
N ILE A 50 12.77 -17.77 11.86
CA ILE A 50 11.36 -17.43 11.69
C ILE A 50 10.67 -18.65 11.11
N LYS A 51 9.56 -19.07 11.75
CA LYS A 51 8.80 -20.20 11.25
C LYS A 51 7.44 -20.19 11.94
N ASP A 52 6.53 -20.98 11.40
CA ASP A 52 5.25 -21.19 12.05
C ASP A 52 5.48 -21.91 13.36
N ARG A 53 5.04 -21.32 14.47
CA ARG A 53 5.23 -21.90 15.79
C ARG A 53 3.88 -22.16 16.44
N ARG A 54 3.78 -23.29 17.13
CA ARG A 54 2.57 -23.64 17.88
C ARG A 54 2.80 -23.41 19.36
N HIS A 55 1.77 -22.87 20.02
CA HIS A 55 1.78 -22.61 21.47
C HIS A 55 0.38 -22.89 21.97
N HIS A 56 0.22 -23.95 22.76
CA HIS A 56 -1.09 -24.38 23.25
C HIS A 56 -2.03 -24.67 22.08
N LEU A 57 -1.57 -25.56 21.21
CA LEU A 57 -2.38 -26.06 20.09
C LEU A 57 -2.89 -24.94 19.20
N LYS A 58 -2.28 -23.76 19.29
CA LYS A 58 -2.64 -22.60 18.47
C LYS A 58 -1.43 -22.18 17.65
N THR A 59 -1.62 -22.05 16.34
CA THR A 59 -0.52 -21.74 15.44
C THR A 59 -0.40 -20.23 15.18
N TYR A 60 0.80 -19.69 15.42
CA TYR A 60 1.14 -18.31 15.10
C TYR A 60 2.14 -18.31 13.96
N PRO A 61 1.78 -17.92 12.74
CA PRO A 61 2.69 -18.10 11.60
C PRO A 61 3.80 -17.07 11.53
N ASN A 62 4.94 -17.52 10.98
CA ASN A 62 6.05 -16.64 10.64
C ASN A 62 6.56 -15.87 11.85
N CYS A 63 6.78 -16.59 12.95
CA CYS A 63 7.23 -15.96 14.17
C CYS A 63 8.66 -16.37 14.50
N PHE A 64 9.36 -15.50 15.22
CA PHE A 64 10.58 -15.84 15.94
C PHE A 64 10.32 -15.60 17.42
N VAL A 65 11.19 -16.17 18.26
CA VAL A 65 11.11 -16.02 19.70
C VAL A 65 12.16 -15.02 20.13
N ALA A 66 11.74 -14.01 20.90
CA ALA A 66 12.64 -12.91 21.26
C ALA A 66 13.94 -13.45 21.85
N LYS A 67 13.83 -14.25 22.92
CA LYS A 67 15.04 -14.80 23.54
C LYS A 67 15.88 -15.55 22.54
N GLU A 68 15.25 -16.37 21.68
CA GLU A 68 16.02 -17.14 20.72
C GLU A 68 16.73 -16.24 19.72
N LEU A 69 16.10 -15.13 19.32
CA LEU A 69 16.76 -14.23 18.38
C LEU A 69 17.95 -13.53 19.04
N ILE A 70 17.82 -13.17 20.32
CA ILE A 70 18.97 -12.63 21.05
C ILE A 70 20.10 -13.65 21.05
N ASP A 71 19.78 -14.91 21.34
CA ASP A 71 20.78 -15.97 21.23
C ASP A 71 21.45 -15.93 19.87
N TRP A 72 20.64 -15.92 18.81
CA TRP A 72 21.15 -15.99 17.45
C TRP A 72 22.03 -14.79 17.13
N LEU A 73 21.60 -13.59 17.49
CA LEU A 73 22.38 -12.39 17.22
C LEU A 73 23.78 -12.50 17.83
N ILE A 74 23.86 -12.88 19.10
CA ILE A 74 25.16 -13.06 19.73
C ILE A 74 25.89 -14.22 19.09
N GLU A 75 25.18 -15.31 18.81
CA GLU A 75 25.80 -16.49 18.22
C GLU A 75 26.49 -16.16 16.90
N HIS A 76 25.89 -15.27 16.11
CA HIS A 76 26.45 -14.88 14.82
C HIS A 76 27.19 -13.55 14.88
N LYS A 77 27.55 -13.11 16.09
CA LYS A 77 28.41 -11.95 16.29
C LYS A 77 27.83 -10.68 15.68
N GLU A 78 26.51 -10.58 15.63
CA GLU A 78 25.83 -9.35 15.28
C GLU A 78 25.63 -8.43 16.48
N ALA A 79 25.78 -8.95 17.70
CA ALA A 79 25.60 -8.16 18.91
C ALA A 79 26.65 -8.60 19.93
N SER A 80 27.16 -7.64 20.70
CA SER A 80 28.24 -7.94 21.65
C SER A 80 27.74 -8.72 22.85
N ASP A 81 26.53 -8.40 23.34
CA ASP A 81 26.03 -9.02 24.55
C ASP A 81 24.50 -8.97 24.54
N ARG A 82 23.90 -9.49 25.61
CA ARG A 82 22.44 -9.53 25.68
C ARG A 82 21.86 -8.13 25.67
N GLU A 83 22.47 -7.21 26.43
CA GLU A 83 21.93 -5.87 26.56
C GLU A 83 21.92 -5.12 25.24
N THR A 84 22.98 -5.24 24.44
CA THR A 84 23.04 -4.51 23.18
C THR A 84 22.17 -5.15 22.11
N ALA A 85 22.03 -6.48 22.13
CA ALA A 85 21.10 -7.13 21.22
C ALA A 85 19.67 -6.66 21.45
N ILE A 86 19.29 -6.50 22.73
CA ILE A 86 17.98 -5.98 23.06
C ILE A 86 17.80 -4.56 22.53
N LYS A 87 18.83 -3.72 22.65
CA LYS A 87 18.71 -2.36 22.14
C LYS A 87 18.51 -2.35 20.63
N LEU A 88 19.18 -3.23 19.90
CA LEU A 88 19.03 -3.25 18.45
C LEU A 88 17.62 -3.68 18.05
N MET A 89 17.11 -4.73 18.66
CA MET A 89 15.74 -5.17 18.35
C MET A 89 14.72 -4.14 18.81
N GLN A 90 15.01 -3.42 19.90
CA GLN A 90 14.13 -2.33 20.32
C GLN A 90 14.05 -1.25 19.24
N LYS A 91 15.17 -0.95 18.59
CA LYS A 91 15.13 0.02 17.49
C LYS A 91 14.22 -0.46 16.37
N LEU A 92 14.31 -1.74 16.00
CA LEU A 92 13.39 -2.27 14.99
C LEU A 92 11.95 -2.25 15.49
N ALA A 93 11.71 -2.61 16.75
CA ALA A 93 10.35 -2.55 17.28
C ALA A 93 9.82 -1.11 17.25
N ASP A 94 10.67 -0.15 17.59
CA ASP A 94 10.24 1.25 17.64
C ASP A 94 9.87 1.79 16.27
N ARG A 95 10.48 1.27 15.21
CA ARG A 95 10.18 1.71 13.86
C ARG A 95 9.12 0.85 13.19
N GLY A 96 8.49 -0.06 13.93
CA GLY A 96 7.43 -0.90 13.39
C GLY A 96 7.90 -2.05 12.53
N ILE A 97 9.21 -2.32 12.51
CA ILE A 97 9.73 -3.38 11.64
C ILE A 97 9.36 -4.74 12.20
N ILE A 98 9.34 -4.87 13.53
CA ILE A 98 8.89 -6.09 14.19
C ILE A 98 7.87 -5.69 15.25
N HIS A 99 7.06 -6.65 15.65
CA HIS A 99 6.10 -6.39 16.71
C HIS A 99 5.84 -7.67 17.46
N HIS A 100 5.50 -7.51 18.74
CA HIS A 100 5.08 -8.64 19.56
C HIS A 100 3.79 -9.23 18.99
N VAL A 101 3.74 -10.56 18.88
CA VAL A 101 2.56 -11.26 18.41
C VAL A 101 1.74 -11.63 19.64
N CYS A 102 0.64 -10.93 19.87
CA CYS A 102 -0.29 -11.28 20.94
C CYS A 102 -1.42 -12.15 20.41
N ASP A 103 -2.23 -12.65 21.34
CA ASP A 103 -3.29 -13.60 21.03
C ASP A 103 -4.53 -12.81 20.61
N GLU A 104 -4.79 -12.77 19.31
CA GLU A 104 -6.01 -12.16 18.80
C GLU A 104 -7.09 -13.21 18.67
N HIS A 105 -8.18 -13.07 19.44
CA HIS A 105 -9.29 -13.99 19.29
C HIS A 105 -9.85 -13.95 17.87
N LYS A 106 -9.97 -15.12 17.24
CA LYS A 106 -10.53 -15.19 15.90
C LYS A 106 -12.05 -15.15 15.94
N GLU A 107 -12.65 -15.59 17.04
CA GLU A 107 -14.11 -15.66 17.15
C GLU A 107 -14.65 -14.38 17.76
N PHE A 108 -15.55 -13.72 17.05
CA PHE A 108 -16.22 -12.54 17.59
C PHE A 108 -17.27 -12.95 18.63
N LYS A 109 -17.17 -12.36 19.82
CA LYS A 109 -18.08 -12.70 20.90
C LYS A 109 -18.66 -11.45 21.53
N ASP A 110 -19.79 -11.64 22.21
CA ASP A 110 -20.54 -10.57 22.86
C ASP A 110 -19.90 -10.26 24.22
N VAL A 111 -18.72 -9.65 24.14
CA VAL A 111 -17.89 -9.39 25.31
C VAL A 111 -17.31 -7.98 25.23
N LYS A 112 -16.80 -7.52 26.38
CA LYS A 112 -16.16 -6.20 26.47
C LYS A 112 -14.68 -6.34 26.13
N LEU A 113 -14.44 -6.53 24.84
CA LEU A 113 -13.10 -6.53 24.26
C LEU A 113 -12.99 -5.46 23.19
N PHE A 114 -11.80 -4.85 23.06
CA PHE A 114 -11.57 -3.88 22.01
C PHE A 114 -11.42 -4.56 20.65
N TYR A 115 -12.06 -3.97 19.64
CA TYR A 115 -11.91 -4.39 18.25
C TYR A 115 -11.58 -3.17 17.40
N ARG A 116 -10.99 -3.41 16.23
CA ARG A 116 -10.58 -2.32 15.35
C ARG A 116 -10.73 -2.75 13.89
N PHE A 117 -11.20 -1.83 13.06
CA PHE A 117 -11.22 -2.03 11.62
C PHE A 117 -9.80 -1.99 11.09
N ARG A 118 -9.48 -2.92 10.19
CA ARG A 118 -8.10 -3.01 9.70
C ARG A 118 -7.67 -1.69 9.10
N LYS A 119 -8.58 -1.01 8.41
CA LYS A 119 -8.25 0.29 7.80
C LYS A 119 -7.86 1.32 8.84
N ASP A 120 -8.27 1.15 10.10
CA ASP A 120 -7.88 2.04 11.18
C ASP A 120 -6.59 1.60 11.86
N ASP A 121 -6.02 0.46 11.48
CA ASP A 121 -4.74 0.06 12.04
C ASP A 121 -3.68 1.10 11.70
N GLY A 122 -2.73 1.27 12.62
CA GLY A 122 -1.63 2.19 12.37
C GLY A 122 -0.79 1.73 11.20
N THR A 123 -0.32 2.70 10.42
CA THR A 123 0.55 2.44 9.28
C THR A 123 1.88 3.13 9.52
N PHE A 124 2.85 2.80 8.66
CA PHE A 124 4.21 3.33 8.76
C PHE A 124 4.60 3.87 7.40
N PRO A 125 3.92 4.90 6.93
CA PRO A 125 4.12 5.39 5.56
C PRO A 125 5.44 6.14 5.41
N LEU A 126 5.92 6.14 4.17
CA LEU A 126 7.15 6.83 3.81
C LEU A 126 6.79 7.98 2.89
N ASP A 127 7.34 9.17 3.17
CA ASP A 127 7.08 10.30 2.29
C ASP A 127 7.87 10.16 0.99
N ASN A 128 7.58 11.03 0.03
CA ASN A 128 8.15 10.88 -1.30
C ASN A 128 9.66 11.07 -1.32
N GLU A 129 10.18 11.93 -0.44
CA GLU A 129 11.62 12.14 -0.41
C GLU A 129 12.34 10.87 0.04
N VAL A 130 11.80 10.20 1.07
CA VAL A 130 12.42 8.96 1.55
C VAL A 130 12.33 7.88 0.48
N LYS A 131 11.17 7.77 -0.18
CA LYS A 131 11.02 6.78 -1.24
C LYS A 131 12.04 7.00 -2.36
N ALA A 132 12.22 8.26 -2.76
CA ALA A 132 13.20 8.56 -3.81
C ALA A 132 14.62 8.26 -3.35
N PHE A 133 14.93 8.57 -2.09
CA PHE A 133 16.24 8.25 -1.53
C PHE A 133 16.50 6.74 -1.60
N MET A 134 15.51 5.93 -1.22
CA MET A 134 15.70 4.49 -1.16
C MET A 134 15.75 3.89 -2.56
N ARG A 135 14.92 4.39 -3.48
CA ARG A 135 15.08 4.01 -4.88
C ARG A 135 16.48 4.37 -5.37
N GLY A 136 16.92 5.60 -5.07
CA GLY A 136 18.21 6.07 -5.57
C GLY A 136 19.38 5.25 -5.05
N GLN A 137 19.29 4.79 -3.80
CA GLN A 137 20.37 4.00 -3.22
C GLN A 137 20.53 2.66 -3.92
N ARG A 138 19.42 2.00 -4.25
CA ARG A 138 19.50 0.76 -5.01
C ARG A 138 20.19 1.00 -6.36
N LEU A 139 19.81 2.06 -7.06
CA LEU A 139 20.43 2.38 -8.34
C LEU A 139 21.91 2.69 -8.17
N TYR A 140 22.27 3.48 -7.16
CA TYR A 140 23.66 3.84 -6.95
C TYR A 140 24.51 2.61 -6.68
N GLU A 141 24.00 1.69 -5.86
CA GLU A 141 24.74 0.49 -5.55
C GLU A 141 24.96 -0.36 -6.80
N LYS A 142 23.94 -0.48 -7.65
CA LYS A 142 24.10 -1.21 -8.90
C LYS A 142 25.11 -0.51 -9.80
N LEU A 143 25.02 0.82 -9.92
CA LEU A 143 25.90 1.55 -10.84
C LEU A 143 27.32 1.72 -10.33
N MET A 144 27.57 1.51 -9.03
CA MET A 144 28.92 1.55 -8.50
C MET A 144 29.57 0.18 -8.45
N SER A 145 28.88 -0.86 -8.94
CA SER A 145 29.45 -2.20 -8.99
C SER A 145 30.39 -2.35 -10.19
N PRO A 146 31.37 -3.24 -10.07
CA PRO A 146 32.29 -3.42 -11.20
C PRO A 146 31.59 -3.77 -12.50
N GLU A 147 30.45 -4.46 -12.42
CA GLU A 147 29.81 -4.98 -13.62
C GLU A 147 29.23 -3.86 -14.46
N ASN A 148 28.86 -2.76 -13.83
CA ASN A 148 28.18 -1.65 -14.49
C ASN A 148 29.19 -0.62 -15.01
N THR A 149 28.89 -0.08 -16.19
CA THR A 149 29.82 0.86 -16.82
C THR A 149 29.14 2.17 -17.21
N LEU A 150 27.94 2.47 -16.70
CA LEU A 150 27.29 3.72 -17.10
C LEU A 150 28.04 4.93 -16.56
N LEU A 151 28.60 4.83 -15.36
CA LEU A 151 29.22 5.98 -14.71
C LEU A 151 30.64 6.16 -15.24
N GLN A 152 30.89 7.30 -15.88
CA GLN A 152 32.19 7.54 -16.48
C GLN A 152 32.51 9.02 -16.38
N PRO A 153 33.79 9.40 -16.35
CA PRO A 153 34.16 10.81 -16.54
C PRO A 153 33.84 11.22 -17.97
N ARG A 154 33.07 12.30 -18.10
CA ARG A 154 32.66 12.77 -19.42
C ARG A 154 32.66 14.29 -19.44
N GLU A 155 32.52 14.83 -20.64
CA GLU A 155 32.66 16.26 -20.92
C GLU A 155 31.36 16.83 -21.46
N GLU A 156 31.06 18.05 -21.05
CA GLU A 156 29.89 18.78 -21.55
C GLU A 156 30.25 20.25 -21.60
N GLU A 157 30.03 20.88 -22.75
CA GLU A 157 30.40 22.28 -22.95
C GLU A 157 31.84 22.54 -22.49
N GLY A 158 32.72 21.59 -22.76
CA GLY A 158 34.13 21.78 -22.50
C GLY A 158 34.58 21.63 -21.07
N VAL A 159 33.74 21.08 -20.18
CA VAL A 159 34.11 20.85 -18.80
C VAL A 159 34.14 19.35 -18.55
N LYS A 160 35.22 18.87 -17.92
CA LYS A 160 35.29 17.47 -17.51
C LYS A 160 34.57 17.28 -16.19
N TYR A 161 33.72 16.25 -16.10
CA TYR A 161 32.98 15.93 -14.89
C TYR A 161 33.18 14.46 -14.57
N GLU A 162 33.20 14.13 -13.28
CA GLU A 162 33.40 12.76 -12.83
C GLU A 162 32.07 12.10 -12.50
N ARG A 163 32.03 10.78 -12.67
CA ARG A 163 30.88 9.94 -12.29
C ARG A 163 29.60 10.42 -12.96
N THR A 164 29.65 10.65 -14.26
CA THR A 164 28.45 11.12 -14.95
C THR A 164 27.68 9.95 -15.57
N PHE A 165 26.41 10.19 -15.88
CA PHE A 165 25.64 9.31 -16.75
C PHE A 165 24.85 10.19 -17.72
N MET A 166 24.61 9.66 -18.92
CA MET A 166 23.84 10.36 -19.93
C MET A 166 22.36 10.11 -19.68
N ALA A 167 21.54 11.16 -19.81
CA ALA A 167 20.12 11.01 -19.53
C ALA A 167 19.52 9.88 -20.36
N SER A 168 19.79 9.88 -21.67
CA SER A 168 19.22 8.86 -22.55
C SER A 168 19.70 7.46 -22.18
N GLU A 169 21.00 7.30 -21.93
CA GLU A 169 21.52 5.99 -21.54
C GLU A 169 20.96 5.52 -20.20
N PHE A 170 20.78 6.44 -19.25
CA PHE A 170 20.20 6.07 -17.96
C PHE A 170 18.77 5.58 -18.12
N LEU A 171 17.98 6.26 -18.95
CA LEU A 171 16.63 5.78 -19.24
C LEU A 171 16.68 4.40 -19.90
N ASP A 172 17.57 4.22 -20.87
CA ASP A 172 17.74 2.92 -21.51
C ASP A 172 18.03 1.84 -20.47
N TRP A 173 19.00 2.08 -19.58
CA TRP A 173 19.41 1.06 -18.62
C TRP A 173 18.30 0.77 -17.61
N LEU A 174 17.56 1.80 -17.20
CA LEU A 174 16.52 1.61 -16.20
C LEU A 174 15.51 0.56 -16.66
N VAL A 175 15.19 0.55 -17.96
CA VAL A 175 14.25 -0.43 -18.49
C VAL A 175 14.90 -1.81 -18.58
N GLN A 176 16.09 -1.89 -19.20
CA GLN A 176 16.73 -3.19 -19.41
C GLN A 176 16.95 -3.92 -18.09
N GLU A 177 17.24 -3.19 -17.02
CA GLU A 177 17.43 -3.79 -15.71
C GLU A 177 16.11 -4.11 -15.02
N GLY A 178 15.00 -3.60 -15.54
CA GLY A 178 13.70 -3.82 -14.93
C GLY A 178 13.38 -2.93 -13.76
N GLU A 179 14.16 -1.86 -13.54
CA GLU A 179 13.82 -0.89 -12.52
C GLU A 179 12.64 -0.02 -12.92
N ALA A 180 12.29 0.03 -14.20
CA ALA A 180 11.08 0.69 -14.67
C ALA A 180 10.48 -0.10 -15.81
N THR A 181 9.15 -0.06 -15.92
CA THR A 181 8.48 -0.81 -16.97
C THR A 181 8.66 -0.15 -18.33
N THR A 182 8.53 1.17 -18.39
CA THR A 182 8.50 1.89 -19.66
C THR A 182 9.35 3.15 -19.57
N ARG A 183 9.67 3.71 -20.75
CA ARG A 183 10.51 4.89 -20.79
C ARG A 183 9.83 6.09 -20.13
N LYS A 184 8.52 6.24 -20.33
CA LYS A 184 7.83 7.35 -19.67
C LYS A 184 7.77 7.15 -18.17
N GLU A 185 7.65 5.90 -17.72
CA GLU A 185 7.71 5.61 -16.30
C GLU A 185 9.10 5.91 -15.74
N ALA A 186 10.14 5.42 -16.41
CA ALA A 186 11.50 5.72 -15.98
C ALA A 186 11.79 7.22 -16.01
N GLU A 187 11.13 7.95 -16.91
CA GLU A 187 11.33 9.39 -16.98
C GLU A 187 10.78 10.07 -15.72
N GLN A 188 9.60 9.66 -15.27
CA GLN A 188 9.03 10.24 -14.07
C GLN A 188 9.89 9.92 -12.86
N LEU A 189 10.47 8.72 -12.82
CA LEU A 189 11.38 8.37 -11.72
C LEU A 189 12.54 9.35 -11.64
N CYS A 190 13.14 9.67 -12.79
CA CYS A 190 14.27 10.58 -12.81
C CYS A 190 13.85 11.96 -12.35
N HIS A 191 12.65 12.41 -12.74
CA HIS A 191 12.13 13.68 -12.26
C HIS A 191 11.95 13.66 -10.75
N ARG A 192 11.52 12.53 -10.21
CA ARG A 192 11.44 12.44 -8.75
C ARG A 192 12.83 12.44 -8.12
N LEU A 193 13.77 11.69 -8.70
CA LEU A 193 15.14 11.70 -8.18
C LEU A 193 15.72 13.11 -8.25
N MET A 194 15.40 13.86 -9.30
CA MET A 194 15.85 15.25 -9.40
C MET A 194 15.17 16.11 -8.34
N GLU A 195 13.85 15.97 -8.20
CA GLU A 195 13.09 16.80 -7.27
C GLU A 195 13.63 16.70 -5.85
N HIS A 196 14.05 15.51 -5.42
CA HIS A 196 14.48 15.27 -4.05
C HIS A 196 15.98 15.28 -3.90
N GLY A 197 16.70 15.79 -4.91
CA GLY A 197 18.13 15.98 -4.78
C GLY A 197 18.97 14.74 -4.79
N ILE A 198 18.45 13.64 -5.33
CA ILE A 198 19.25 12.43 -5.44
C ILE A 198 20.21 12.54 -6.61
N ILE A 199 19.76 13.09 -7.74
CA ILE A 199 20.60 13.31 -8.91
C ILE A 199 20.57 14.80 -9.25
N GLN A 200 21.51 15.20 -10.10
CA GLN A 200 21.63 16.60 -10.51
C GLN A 200 22.21 16.65 -11.91
N HIS A 201 21.94 17.74 -12.61
CA HIS A 201 22.67 18.05 -13.82
C HIS A 201 24.09 18.48 -13.46
N VAL A 202 25.05 18.12 -14.32
CA VAL A 202 26.46 18.27 -13.97
C VAL A 202 26.78 19.69 -13.56
N SER A 203 26.07 20.67 -14.09
CA SER A 203 26.42 22.05 -13.74
C SER A 203 25.27 22.95 -13.29
N SER A 204 24.26 23.11 -14.12
CA SER A 204 23.38 24.28 -14.06
C SER A 204 22.03 24.05 -13.39
N LYS A 205 21.93 23.10 -12.48
CA LYS A 205 20.65 22.84 -11.83
C LYS A 205 19.54 22.55 -12.86
N HIS A 206 19.90 22.41 -14.14
CA HIS A 206 18.95 22.12 -15.21
C HIS A 206 18.06 20.94 -14.79
N PRO A 207 16.83 20.87 -15.29
CA PRO A 207 15.98 19.70 -15.00
C PRO A 207 16.45 18.49 -15.80
N PHE A 208 15.84 17.35 -15.48
CA PHE A 208 16.11 16.13 -16.22
C PHE A 208 15.39 16.16 -17.57
N VAL A 209 16.16 15.94 -18.64
CA VAL A 209 15.62 15.88 -19.99
C VAL A 209 16.18 14.65 -20.69
N ASP A 210 15.30 13.92 -21.35
CA ASP A 210 15.67 12.75 -22.14
C ASP A 210 16.53 13.23 -23.31
N SER A 211 17.84 13.17 -23.13
CA SER A 211 18.75 13.80 -24.07
C SER A 211 20.15 13.22 -23.86
N ASN A 212 21.16 13.91 -24.40
CA ASN A 212 22.55 13.53 -24.22
C ASN A 212 23.23 14.36 -23.12
N LEU A 213 22.45 15.09 -22.33
CA LEU A 213 22.99 15.87 -21.23
C LEU A 213 23.51 14.95 -20.14
N LEU A 214 24.46 15.46 -19.37
CA LEU A 214 25.14 14.67 -18.36
C LEU A 214 24.57 14.97 -16.98
N TYR A 215 24.42 13.92 -16.17
CA TYR A 215 23.89 14.03 -14.82
C TYR A 215 24.80 13.25 -13.88
N GLN A 216 24.65 13.52 -12.59
CA GLN A 216 25.45 12.88 -11.57
C GLN A 216 24.53 12.53 -10.41
N PHE A 217 25.01 11.65 -9.56
CA PHE A 217 24.38 11.49 -8.25
C PHE A 217 24.85 12.62 -7.35
N ARG A 218 23.89 13.41 -6.86
CA ARG A 218 24.18 14.42 -5.84
C ARG A 218 24.36 13.74 -4.49
N MET A 219 23.54 12.73 -4.21
CA MET A 219 23.62 11.96 -2.98
C MET A 219 24.67 10.87 -3.12
N ASN A 220 25.70 10.92 -2.28
CA ASN A 220 26.78 9.94 -2.27
C ASN A 220 26.48 8.97 -1.12
N PHE A 221 25.74 7.92 -1.46
CA PHE A 221 25.27 6.95 -0.49
C PHE A 221 26.42 6.19 0.14
N ARG A 222 26.30 5.94 1.45
CA ARG A 222 27.25 5.09 2.14
C ARG A 222 26.74 3.65 2.18
N ARG A 223 27.66 2.72 2.44
CA ARG A 223 27.32 1.31 2.42
C ARG A 223 26.20 1.00 3.41
N ARG A 224 25.43 -0.03 3.11
CA ARG A 224 24.38 -0.49 4.00
C ARG A 224 24.96 -0.71 5.40
N ARG A 225 24.17 -0.37 6.41
CA ARG A 225 24.62 -0.54 7.79
C ARG A 225 24.53 -2.00 8.23
N ARG A 226 25.50 -2.44 9.03
CA ARG A 226 25.31 -3.61 9.85
C ARG A 226 24.46 -3.26 11.07
N LEU A 227 23.88 -4.30 11.70
CA LEU A 227 22.97 -4.09 12.82
C LEU A 227 23.60 -3.25 13.92
N MET A 228 24.85 -3.55 14.29
CA MET A 228 25.48 -2.80 15.38
C MET A 228 25.72 -1.34 15.03
N GLU A 229 25.65 -0.98 13.75
CA GLU A 229 25.88 0.39 13.33
C GLU A 229 24.62 1.24 13.41
N LEU A 230 23.52 0.65 13.85
CA LEU A 230 22.25 1.35 14.02
C LEU A 230 22.11 1.82 15.47
N GLY B 20 -26.97 -10.69 -14.52
CA GLY B 20 -25.66 -10.39 -13.98
C GLY B 20 -24.53 -11.24 -14.51
N GLY B 21 -24.66 -12.54 -14.30
CA GLY B 21 -23.75 -13.56 -14.78
C GLY B 21 -22.62 -13.90 -13.81
N ALA B 22 -21.77 -14.83 -14.26
CA ALA B 22 -20.79 -15.43 -13.36
C ALA B 22 -19.76 -14.42 -12.90
N GLN B 23 -19.28 -13.57 -13.82
CA GLN B 23 -18.26 -12.60 -13.44
C GLN B 23 -18.79 -11.66 -12.36
N GLN B 24 -20.01 -11.16 -12.52
CA GLN B 24 -20.55 -10.20 -11.58
C GLN B 24 -20.85 -10.83 -10.22
N ARG B 25 -21.38 -12.04 -10.22
CA ARG B 25 -21.65 -12.71 -8.94
C ARG B 25 -20.39 -12.84 -8.11
N GLU B 26 -19.29 -13.27 -8.74
CA GLU B 26 -18.05 -13.48 -8.00
C GLU B 26 -17.38 -12.16 -7.62
N LEU B 27 -17.48 -11.13 -8.47
CA LEU B 27 -16.94 -9.84 -8.07
C LEU B 27 -17.76 -9.22 -6.95
N GLU B 28 -19.08 -9.46 -6.93
CA GLU B 28 -19.91 -9.03 -5.81
C GLU B 28 -19.50 -9.75 -4.52
N ARG B 29 -19.27 -11.06 -4.59
CA ARG B 29 -18.82 -11.79 -3.41
C ARG B 29 -17.55 -11.17 -2.85
N MET B 30 -16.61 -10.81 -3.74
CA MET B 30 -15.33 -10.26 -3.29
C MET B 30 -15.51 -8.87 -2.70
N ALA B 31 -16.38 -8.05 -3.30
CA ALA B 31 -16.37 -6.60 -3.08
C ALA B 31 -17.42 -6.10 -2.10
N GLU B 32 -18.62 -6.70 -2.09
CA GLU B 32 -19.73 -6.08 -1.38
C GLU B 32 -19.49 -6.06 0.13
N VAL B 33 -18.92 -7.12 0.70
CA VAL B 33 -18.62 -7.10 2.13
C VAL B 33 -17.59 -6.02 2.44
N LEU B 34 -16.65 -5.78 1.53
CA LEU B 34 -15.67 -4.71 1.76
C LEU B 34 -16.33 -3.33 1.75
N VAL B 35 -17.25 -3.09 0.81
CA VAL B 35 -17.92 -1.81 0.72
C VAL B 35 -18.83 -1.60 1.92
N THR B 36 -19.67 -2.61 2.22
CA THR B 36 -20.60 -2.51 3.34
C THR B 36 -19.84 -2.38 4.66
N GLY B 37 -18.74 -3.11 4.81
CA GLY B 37 -17.95 -3.01 6.02
C GLY B 37 -17.29 -1.64 6.16
N GLU B 38 -16.80 -1.09 5.06
CA GLU B 38 -16.20 0.24 5.10
C GLU B 38 -17.24 1.29 5.47
N GLN B 39 -18.45 1.16 4.92
CA GLN B 39 -19.55 2.07 5.27
C GLN B 39 -19.84 2.01 6.76
N LEU B 40 -19.81 0.82 7.34
CA LEU B 40 -20.01 0.69 8.78
C LEU B 40 -18.90 1.42 9.54
N ARG B 41 -17.64 1.24 9.10
CA ARG B 41 -16.54 1.90 9.78
C ARG B 41 -16.76 3.41 9.82
N LEU B 42 -17.11 4.00 8.68
CA LEU B 42 -17.33 5.44 8.64
C LEU B 42 -18.47 5.85 9.56
N ARG B 43 -19.57 5.09 9.52
CA ARG B 43 -20.71 5.43 10.35
C ARG B 43 -20.37 5.32 11.84
N LEU B 44 -19.61 4.29 12.22
CA LEU B 44 -19.28 4.13 13.63
C LEU B 44 -18.33 5.20 14.10
N HIS B 45 -17.49 5.74 13.21
CA HIS B 45 -16.69 6.90 13.55
C HIS B 45 -17.57 8.12 13.80
N GLU B 46 -18.52 8.36 12.89
CA GLU B 46 -19.40 9.51 13.05
C GLU B 46 -20.13 9.47 14.39
N GLU B 47 -20.53 8.28 14.83
CA GLU B 47 -21.31 8.10 16.04
C GLU B 47 -20.44 7.86 17.27
N LYS B 48 -19.12 7.94 17.13
CA LYS B 48 -18.18 7.80 18.24
C LYS B 48 -18.25 6.42 18.89
N VAL B 49 -18.81 5.44 18.19
CA VAL B 49 -18.70 4.07 18.67
C VAL B 49 -17.26 3.61 18.57
N ILE B 50 -16.54 4.11 17.55
CA ILE B 50 -15.10 3.97 17.44
C ILE B 50 -14.47 5.23 17.99
N LYS B 51 -13.48 5.07 18.86
CA LYS B 51 -12.74 6.19 19.40
C LYS B 51 -11.47 5.66 20.06
N ASP B 52 -10.53 6.57 20.32
CA ASP B 52 -9.36 6.22 21.12
C ASP B 52 -9.80 5.85 22.53
N ARG B 53 -9.43 4.65 22.96
CA ARG B 53 -9.84 4.13 24.25
C ARG B 53 -8.61 3.87 25.11
N ARG B 54 -8.75 4.17 26.40
CA ARG B 54 -7.71 3.96 27.39
C ARG B 54 -8.00 2.69 28.16
N HIS B 55 -6.96 1.90 28.39
CA HIS B 55 -7.12 0.67 29.17
C HIS B 55 -5.82 0.45 29.94
N HIS B 56 -5.86 0.72 31.24
CA HIS B 56 -4.71 0.53 32.11
C HIS B 56 -3.50 1.32 31.61
N LEU B 57 -3.68 2.63 31.51
CA LEU B 57 -2.62 3.57 31.20
C LEU B 57 -1.98 3.33 29.84
N LYS B 58 -2.62 2.54 28.98
CA LYS B 58 -2.17 2.31 27.61
C LYS B 58 -3.34 2.69 26.70
N THR B 59 -3.08 3.60 25.77
CA THR B 59 -4.12 4.15 24.90
C THR B 59 -4.17 3.32 23.63
N TYR B 60 -5.36 2.79 23.32
CA TYR B 60 -5.58 1.98 22.14
C TYR B 60 -6.40 2.76 21.13
N PRO B 61 -5.82 3.22 20.03
CA PRO B 61 -6.56 4.14 19.17
C PRO B 61 -7.59 3.47 18.27
N ASN B 62 -8.67 4.19 18.02
CA ASN B 62 -9.66 3.83 17.00
C ASN B 62 -10.27 2.45 17.24
N CYS B 63 -10.72 2.21 18.46
CA CYS B 63 -11.31 0.93 18.82
C CYS B 63 -12.80 1.07 19.12
N PHE B 64 -13.54 0.00 18.90
CA PHE B 64 -14.90 -0.17 19.40
C PHE B 64 -14.90 -1.36 20.34
N VAL B 65 -15.97 -1.46 21.13
CA VAL B 65 -16.16 -2.55 22.07
C VAL B 65 -17.17 -3.51 21.46
N ALA B 66 -16.79 -4.78 21.36
CA ALA B 66 -17.62 -5.76 20.68
C ALA B 66 -19.05 -5.74 21.20
N LYS B 67 -19.23 -5.91 22.52
CA LYS B 67 -20.56 -5.90 23.10
C LYS B 67 -21.34 -4.64 22.73
N GLU B 68 -20.66 -3.49 22.78
CA GLU B 68 -21.34 -2.24 22.45
C GLU B 68 -21.74 -2.19 20.99
N LEU B 69 -20.95 -2.74 20.08
CA LEU B 69 -21.35 -2.76 18.68
C LEU B 69 -22.57 -3.65 18.47
N ILE B 70 -22.62 -4.78 19.19
CA ILE B 70 -23.82 -5.61 19.17
C ILE B 70 -25.03 -4.81 19.64
N ASP B 71 -24.87 -4.08 20.76
CA ASP B 71 -25.94 -3.18 21.19
C ASP B 71 -26.36 -2.25 20.05
N TRP B 72 -25.39 -1.58 19.45
CA TRP B 72 -25.66 -0.58 18.41
C TRP B 72 -26.36 -1.22 17.22
N LEU B 73 -25.87 -2.36 16.76
CA LEU B 73 -26.50 -3.03 15.63
C LEU B 73 -27.97 -3.32 15.91
N ILE B 74 -28.28 -3.81 17.11
CA ILE B 74 -29.68 -4.07 17.46
C ILE B 74 -30.45 -2.76 17.59
N GLU B 75 -29.86 -1.75 18.24
CA GLU B 75 -30.56 -0.47 18.39
C GLU B 75 -30.93 0.12 17.02
N HIS B 76 -30.07 -0.07 16.02
CA HIS B 76 -30.27 0.49 14.69
C HIS B 76 -30.86 -0.52 13.72
N LYS B 77 -31.42 -1.62 14.23
CA LYS B 77 -32.19 -2.57 13.43
C LYS B 77 -31.38 -3.16 12.29
N GLU B 78 -30.06 -3.26 12.47
CA GLU B 78 -29.23 -3.98 11.52
C GLU B 78 -29.24 -5.48 11.79
N ALA B 79 -29.68 -5.88 12.98
CA ALA B 79 -29.77 -7.28 13.37
C ALA B 79 -30.98 -7.44 14.29
N SER B 80 -31.65 -8.59 14.17
CA SER B 80 -32.85 -8.85 14.96
C SER B 80 -32.51 -9.16 16.40
N ASP B 81 -31.38 -9.81 16.66
CA ASP B 81 -31.01 -10.23 18.01
C ASP B 81 -29.50 -10.32 18.10
N ARG B 82 -29.00 -10.60 19.32
CA ARG B 82 -27.56 -10.65 19.54
C ARG B 82 -26.93 -11.79 18.75
N GLU B 83 -27.59 -12.95 18.66
CA GLU B 83 -26.98 -14.08 17.96
C GLU B 83 -26.71 -13.75 16.50
N THR B 84 -27.66 -13.09 15.82
CA THR B 84 -27.46 -12.79 14.41
C THR B 84 -26.52 -11.61 14.23
N ALA B 85 -26.51 -10.65 15.16
CA ALA B 85 -25.53 -9.57 15.10
C ALA B 85 -24.11 -10.11 15.21
N ILE B 86 -23.91 -11.10 16.08
CA ILE B 86 -22.60 -11.73 16.18
C ILE B 86 -22.22 -12.39 14.85
N LYS B 87 -23.20 -13.06 14.22
CA LYS B 87 -22.93 -13.73 12.97
C LYS B 87 -22.49 -12.73 11.90
N LEU B 88 -23.10 -11.56 11.88
CA LEU B 88 -22.74 -10.54 10.89
C LEU B 88 -21.33 -10.01 11.14
N MET B 89 -20.99 -9.74 12.40
CA MET B 89 -19.64 -9.26 12.69
C MET B 89 -18.61 -10.35 12.45
N GLN B 90 -18.97 -11.61 12.65
CA GLN B 90 -18.06 -12.69 12.30
C GLN B 90 -17.73 -12.68 10.82
N LYS B 91 -18.71 -12.38 9.99
CA LYS B 91 -18.49 -12.30 8.55
C LYS B 91 -17.44 -11.26 8.24
N LEU B 92 -17.50 -10.11 8.91
CA LEU B 92 -16.51 -9.07 8.73
C LEU B 92 -15.15 -9.52 9.21
N ALA B 93 -15.11 -10.17 10.38
CA ALA B 93 -13.85 -10.65 10.92
C ALA B 93 -13.22 -11.68 9.98
N ASP B 94 -14.04 -12.56 9.41
CA ASP B 94 -13.53 -13.62 8.55
C ASP B 94 -12.87 -13.06 7.29
N ARG B 95 -13.31 -11.90 6.84
CA ARG B 95 -12.70 -11.25 5.68
C ARG B 95 -11.61 -10.25 6.06
N GLY B 96 -11.22 -10.21 7.34
CA GLY B 96 -10.15 -9.34 7.77
C GLY B 96 -10.53 -7.88 7.92
N ILE B 97 -11.82 -7.55 7.87
CA ILE B 97 -12.25 -6.16 7.93
C ILE B 97 -12.13 -5.61 9.36
N ILE B 98 -12.39 -6.45 10.34
CA ILE B 98 -12.20 -6.08 11.75
C ILE B 98 -11.37 -7.18 12.40
N HIS B 99 -10.74 -6.83 13.51
CA HIS B 99 -9.99 -7.81 14.29
C HIS B 99 -9.96 -7.43 15.75
N HIS B 100 -9.82 -8.44 16.61
CA HIS B 100 -9.62 -8.20 18.03
C HIS B 100 -8.28 -7.50 18.23
N VAL B 101 -8.30 -6.45 19.04
CA VAL B 101 -7.09 -5.70 19.37
C VAL B 101 -6.54 -6.27 20.69
N CYS B 102 -5.45 -7.02 20.60
CA CYS B 102 -4.76 -7.50 21.78
C CYS B 102 -3.57 -6.58 22.12
N ASP B 103 -2.99 -6.84 23.29
CA ASP B 103 -1.94 -5.99 23.86
C ASP B 103 -0.59 -6.44 23.31
N GLU B 104 -0.03 -5.61 22.43
CA GLU B 104 1.32 -5.81 21.92
C GLU B 104 2.29 -5.04 22.82
N HIS B 105 3.14 -5.77 23.54
CA HIS B 105 4.13 -5.12 24.38
C HIS B 105 5.06 -4.25 23.52
N LYS B 106 5.23 -2.98 23.92
CA LYS B 106 6.11 -2.09 23.18
C LYS B 106 7.58 -2.35 23.48
N GLU B 107 7.90 -2.86 24.67
CA GLU B 107 9.28 -3.06 25.06
C GLU B 107 9.70 -4.49 24.70
N PHE B 108 10.76 -4.59 23.90
CA PHE B 108 11.35 -5.87 23.54
C PHE B 108 12.14 -6.41 24.72
N LYS B 109 11.84 -7.64 25.13
CA LYS B 109 12.48 -8.23 26.29
C LYS B 109 13.03 -9.60 25.95
N ASP B 110 14.00 -10.03 26.76
CA ASP B 110 14.68 -11.31 26.59
C ASP B 110 13.79 -12.42 27.18
N VAL B 111 12.70 -12.68 26.49
CA VAL B 111 11.64 -13.55 26.98
C VAL B 111 11.17 -14.48 25.87
N LYS B 112 10.43 -15.51 26.26
CA LYS B 112 9.83 -16.44 25.30
C LYS B 112 8.46 -15.93 24.88
N LEU B 113 8.49 -14.88 24.06
CA LEU B 113 7.31 -14.35 23.42
C LEU B 113 7.50 -14.39 21.91
N PHE B 114 6.42 -14.65 21.19
CA PHE B 114 6.47 -14.64 19.74
C PHE B 114 6.53 -13.21 19.23
N TYR B 115 7.42 -12.97 18.25
CA TYR B 115 7.50 -11.71 17.54
C TYR B 115 7.44 -12.01 16.04
N ARG B 116 7.05 -11.01 15.25
CA ARG B 116 6.91 -11.21 13.81
C ARG B 116 7.30 -9.91 13.11
N PHE B 117 7.99 -10.03 11.99
CA PHE B 117 8.23 -8.88 11.14
C PHE B 117 6.92 -8.44 10.49
N ARG B 118 6.67 -7.12 10.50
CA ARG B 118 5.43 -6.61 9.94
C ARG B 118 5.23 -7.04 8.50
N LYS B 119 6.32 -7.10 7.72
CA LYS B 119 6.19 -7.55 6.34
C LYS B 119 5.71 -9.00 6.27
N ASP B 120 5.90 -9.77 7.33
CA ASP B 120 5.40 -11.13 7.39
C ASP B 120 3.97 -11.22 7.92
N ASP B 121 3.37 -10.11 8.34
CA ASP B 121 1.98 -10.12 8.76
C ASP B 121 1.08 -10.55 7.60
N GLY B 122 -0.03 -11.16 7.92
CA GLY B 122 -0.97 -11.56 6.87
C GLY B 122 -1.50 -10.36 6.13
N THR B 123 -1.69 -10.52 4.82
CA THR B 123 -2.20 -9.47 3.97
C THR B 123 -3.52 -9.91 3.32
N PHE B 124 -4.19 -8.95 2.71
CA PHE B 124 -5.50 -9.16 2.09
C PHE B 124 -5.51 -8.55 0.70
N PRO B 125 -4.72 -9.09 -0.22
CA PRO B 125 -4.54 -8.43 -1.52
C PRO B 125 -5.81 -8.54 -2.36
N LEU B 126 -6.01 -7.53 -3.21
CA LEU B 126 -7.09 -7.51 -4.18
C LEU B 126 -6.49 -7.50 -5.57
N ASP B 127 -6.96 -8.39 -6.44
CA ASP B 127 -6.43 -8.43 -7.80
C ASP B 127 -6.97 -7.24 -8.61
N ASN B 128 -6.41 -7.08 -9.81
CA ASN B 128 -6.74 -5.89 -10.60
C ASN B 128 -8.20 -5.88 -11.05
N GLU B 129 -8.78 -7.06 -11.29
CA GLU B 129 -10.16 -7.09 -11.72
C GLU B 129 -11.09 -6.58 -10.64
N VAL B 130 -10.87 -7.00 -9.38
CA VAL B 130 -11.71 -6.53 -8.29
C VAL B 130 -11.50 -5.04 -8.07
N LYS B 131 -10.25 -4.56 -8.13
CA LYS B 131 -10.01 -3.13 -7.98
C LYS B 131 -10.77 -2.33 -9.04
N ALA B 132 -10.73 -2.80 -10.29
CA ALA B 132 -11.44 -2.11 -11.37
C ALA B 132 -12.94 -2.16 -11.15
N PHE B 133 -13.46 -3.30 -10.70
CA PHE B 133 -14.88 -3.42 -10.36
C PHE B 133 -15.26 -2.40 -9.28
N MET B 134 -14.44 -2.29 -8.25
CA MET B 134 -14.75 -1.40 -7.13
C MET B 134 -14.58 0.06 -7.54
N ARG B 135 -13.55 0.36 -8.32
CA ARG B 135 -13.46 1.72 -8.89
C ARG B 135 -14.71 2.04 -9.70
N GLY B 136 -15.11 1.12 -10.57
CA GLY B 136 -16.23 1.40 -11.46
C GLY B 136 -17.52 1.61 -10.71
N GLN B 137 -17.71 0.88 -9.61
CA GLN B 137 -18.95 1.00 -8.86
C GLN B 137 -19.04 2.37 -8.22
N ARG B 138 -17.93 2.87 -7.68
CA ARG B 138 -17.92 4.22 -7.12
C ARG B 138 -18.25 5.25 -8.19
N LEU B 139 -17.62 5.14 -9.36
CA LEU B 139 -17.91 6.06 -10.45
C LEU B 139 -19.37 5.96 -10.88
N TYR B 140 -19.90 4.74 -10.99
CA TYR B 140 -21.30 4.58 -11.39
C TYR B 140 -22.24 5.25 -10.39
N GLU B 141 -21.97 5.10 -9.09
CA GLU B 141 -22.82 5.72 -8.08
C GLU B 141 -22.80 7.23 -8.19
N LYS B 142 -21.62 7.81 -8.45
CA LYS B 142 -21.55 9.25 -8.66
C LYS B 142 -22.33 9.67 -9.89
N LEU B 143 -22.25 8.89 -10.97
CA LEU B 143 -22.97 9.25 -12.19
C LEU B 143 -24.47 9.06 -12.03
N MET B 144 -24.91 8.34 -11.01
CA MET B 144 -26.33 8.19 -10.70
C MET B 144 -26.81 9.20 -9.65
N SER B 145 -25.96 10.12 -9.20
CA SER B 145 -26.40 11.16 -8.28
C SER B 145 -27.24 12.19 -9.04
N PRO B 146 -28.19 12.83 -8.37
CA PRO B 146 -29.12 13.72 -9.10
C PRO B 146 -28.45 14.83 -9.90
N GLU B 147 -27.41 15.45 -9.37
CA GLU B 147 -26.78 16.58 -10.04
C GLU B 147 -25.92 16.18 -11.24
N ASN B 148 -25.52 14.92 -11.36
CA ASN B 148 -24.63 14.52 -12.45
C ASN B 148 -25.43 14.29 -13.73
N THR B 149 -24.88 14.75 -14.85
CA THR B 149 -25.59 14.73 -16.12
C THR B 149 -24.79 14.05 -17.24
N LEU B 150 -23.76 13.28 -16.89
CA LEU B 150 -22.91 12.68 -17.90
C LEU B 150 -23.65 11.60 -18.67
N LEU B 151 -24.49 10.84 -18.00
CA LEU B 151 -25.16 9.68 -18.60
C LEU B 151 -26.40 10.14 -19.35
N GLN B 152 -26.43 9.92 -20.66
CA GLN B 152 -27.57 10.32 -21.48
C GLN B 152 -27.73 9.34 -22.61
N PRO B 153 -28.95 9.18 -23.15
CA PRO B 153 -29.08 8.48 -24.45
C PRO B 153 -28.43 9.31 -25.54
N ARG B 154 -27.55 8.69 -26.31
CA ARG B 154 -26.85 9.34 -27.40
C ARG B 154 -26.76 8.37 -28.57
N GLU B 155 -26.41 8.91 -29.74
CA GLU B 155 -26.43 8.18 -31.00
C GLU B 155 -25.02 8.21 -31.57
N GLU B 156 -24.62 7.11 -32.18
CA GLU B 156 -23.31 7.00 -32.82
C GLU B 156 -23.47 6.13 -34.06
N GLU B 157 -22.97 6.65 -35.18
CA GLU B 157 -23.14 6.02 -36.48
C GLU B 157 -24.60 5.64 -36.74
N GLY B 158 -25.51 6.51 -36.31
CA GLY B 158 -26.91 6.32 -36.61
C GLY B 158 -27.63 5.29 -35.77
N VAL B 159 -27.02 4.82 -34.68
CA VAL B 159 -27.63 3.86 -33.78
C VAL B 159 -27.89 4.56 -32.45
N LYS B 160 -29.08 4.39 -31.92
CA LYS B 160 -29.43 4.95 -30.61
C LYS B 160 -28.92 4.04 -29.50
N TYR B 161 -28.27 4.63 -28.51
CA TYR B 161 -27.78 3.90 -27.34
C TYR B 161 -28.25 4.57 -26.07
N GLU B 162 -28.53 3.77 -25.05
CA GLU B 162 -28.99 4.27 -23.77
C GLU B 162 -27.82 4.37 -22.79
N ARG B 163 -27.95 5.31 -21.85
CA ARG B 163 -27.05 5.36 -20.69
C ARG B 163 -25.59 5.42 -21.14
N THR B 164 -25.32 6.30 -22.11
CA THR B 164 -23.96 6.47 -22.59
C THR B 164 -23.26 7.63 -21.90
N PHE B 165 -21.94 7.62 -21.98
CA PHE B 165 -21.12 8.77 -21.64
C PHE B 165 -20.06 8.95 -22.73
N MET B 166 -19.69 10.20 -22.98
CA MET B 166 -18.64 10.49 -23.95
C MET B 166 -17.28 10.43 -23.28
N ALA B 167 -16.31 9.85 -23.99
CA ALA B 167 -14.96 9.73 -23.42
C ALA B 167 -14.42 11.08 -22.99
N SER B 168 -14.50 12.08 -23.87
CA SER B 168 -13.91 13.39 -23.54
C SER B 168 -14.60 14.00 -22.33
N GLU B 169 -15.92 13.96 -22.29
CA GLU B 169 -16.65 14.51 -21.15
C GLU B 169 -16.34 13.73 -19.89
N PHE B 170 -16.22 12.40 -20.01
CA PHE B 170 -15.92 11.55 -18.86
C PHE B 170 -14.53 11.86 -18.32
N LEU B 171 -13.54 12.06 -19.20
CA LEU B 171 -12.20 12.43 -18.75
C LEU B 171 -12.22 13.80 -18.08
N ASP B 172 -12.91 14.77 -18.67
CA ASP B 172 -13.01 16.08 -18.03
C ASP B 172 -13.52 15.93 -16.60
N TRP B 173 -14.59 15.16 -16.43
CA TRP B 173 -15.22 15.01 -15.12
C TRP B 173 -14.33 14.23 -14.17
N LEU B 174 -13.63 13.20 -14.67
CA LEU B 174 -12.77 12.42 -13.79
C LEU B 174 -11.68 13.29 -13.16
N VAL B 175 -11.12 14.22 -13.93
CA VAL B 175 -10.11 15.13 -13.39
C VAL B 175 -10.78 16.14 -12.47
N GLN B 176 -11.86 16.77 -12.94
CA GLN B 176 -12.55 17.76 -12.13
C GLN B 176 -13.00 17.17 -10.80
N GLU B 177 -13.42 15.90 -10.81
CA GLU B 177 -13.93 15.25 -9.61
C GLU B 177 -12.82 14.74 -8.70
N GLY B 178 -11.58 14.71 -9.16
CA GLY B 178 -10.50 14.19 -8.35
C GLY B 178 -10.40 12.68 -8.32
N GLU B 179 -11.11 11.98 -9.20
CA GLU B 179 -10.90 10.54 -9.36
C GLU B 179 -9.58 10.24 -10.04
N ALA B 180 -8.99 11.24 -10.70
CA ALA B 180 -7.64 11.16 -11.23
C ALA B 180 -6.99 12.53 -11.06
N THR B 181 -5.68 12.51 -10.81
CA THR B 181 -4.95 13.76 -10.65
C THR B 181 -4.80 14.47 -11.98
N THR B 182 -4.56 13.72 -13.05
CA THR B 182 -4.25 14.26 -14.36
C THR B 182 -5.09 13.56 -15.41
N ARG B 183 -5.17 14.18 -16.59
CA ARG B 183 -6.01 13.62 -17.65
C ARG B 183 -5.48 12.27 -18.12
N LYS B 184 -4.16 12.12 -18.21
CA LYS B 184 -3.61 10.84 -18.63
C LYS B 184 -3.83 9.76 -17.60
N GLU B 185 -3.82 10.11 -16.30
CA GLU B 185 -4.16 9.13 -15.27
C GLU B 185 -5.62 8.71 -15.40
N ALA B 186 -6.52 9.67 -15.60
CA ALA B 186 -7.92 9.33 -15.82
C ALA B 186 -8.09 8.45 -17.06
N GLU B 187 -7.22 8.63 -18.06
CA GLU B 187 -7.29 7.80 -19.26
C GLU B 187 -6.89 6.36 -18.95
N GLN B 188 -5.84 6.17 -18.15
CA GLN B 188 -5.40 4.82 -17.81
C GLN B 188 -6.45 4.09 -16.98
N LEU B 189 -7.14 4.81 -16.09
CA LEU B 189 -8.22 4.20 -15.35
C LEU B 189 -9.28 3.63 -16.28
N CYS B 190 -9.66 4.39 -17.32
CA CYS B 190 -10.68 3.93 -18.24
C CYS B 190 -10.22 2.68 -19.01
N HIS B 191 -8.92 2.63 -19.35
CA HIS B 191 -8.41 1.43 -20.02
C HIS B 191 -8.55 0.20 -19.13
N ARG B 192 -8.32 0.35 -17.82
CA ARG B 192 -8.51 -0.75 -16.90
C ARG B 192 -9.98 -1.13 -16.81
N LEU B 193 -10.88 -0.14 -16.81
CA LEU B 193 -12.30 -0.44 -16.80
C LEU B 193 -12.73 -1.23 -18.04
N MET B 194 -12.16 -0.89 -19.20
CA MET B 194 -12.43 -1.66 -20.41
C MET B 194 -11.84 -3.07 -20.30
N GLU B 195 -10.59 -3.16 -19.84
CA GLU B 195 -9.90 -4.44 -19.77
C GLU B 195 -10.70 -5.48 -18.99
N HIS B 196 -11.31 -5.05 -17.88
CA HIS B 196 -11.99 -5.95 -16.96
C HIS B 196 -13.49 -5.97 -17.16
N GLY B 197 -13.95 -5.46 -18.30
CA GLY B 197 -15.35 -5.58 -18.62
C GLY B 197 -16.27 -4.75 -17.78
N ILE B 198 -15.76 -3.68 -17.16
CA ILE B 198 -16.63 -2.80 -16.38
C ILE B 198 -17.36 -1.83 -17.30
N ILE B 199 -16.67 -1.31 -18.31
CA ILE B 199 -17.29 -0.44 -19.31
C ILE B 199 -17.06 -1.09 -20.67
N GLN B 200 -17.77 -0.56 -21.67
CA GLN B 200 -17.67 -1.10 -23.01
C GLN B 200 -17.92 0.00 -24.03
N HIS B 201 -17.38 -0.18 -25.22
CA HIS B 201 -17.79 0.68 -26.34
C HIS B 201 -19.19 0.31 -26.79
N VAL B 202 -19.96 1.31 -27.21
CA VAL B 202 -21.38 1.07 -27.48
C VAL B 202 -21.55 -0.04 -28.50
N SER B 203 -20.60 -0.19 -29.43
CA SER B 203 -20.74 -1.19 -30.48
C SER B 203 -19.52 -2.12 -30.54
N SER B 204 -18.74 -2.17 -29.47
CA SER B 204 -17.56 -3.03 -29.38
C SER B 204 -16.56 -2.79 -30.50
N LYS B 205 -16.49 -1.56 -31.03
CA LYS B 205 -15.59 -1.33 -32.15
C LYS B 205 -14.30 -0.61 -31.80
N HIS B 206 -14.16 -0.04 -30.62
CA HIS B 206 -12.95 0.73 -30.31
C HIS B 206 -12.56 0.54 -28.87
N PRO B 207 -11.28 0.70 -28.54
CA PRO B 207 -10.84 0.79 -27.14
C PRO B 207 -11.25 2.16 -26.64
N PHE B 208 -10.94 2.44 -25.37
CA PHE B 208 -11.21 3.77 -24.87
C PHE B 208 -10.21 4.75 -25.48
N VAL B 209 -10.72 5.81 -26.12
CA VAL B 209 -9.91 6.82 -26.76
C VAL B 209 -10.41 8.18 -26.28
N ASP B 210 -9.47 9.05 -25.90
CA ASP B 210 -9.85 10.41 -25.51
C ASP B 210 -10.41 11.13 -26.73
N SER B 211 -11.72 11.08 -26.87
CA SER B 211 -12.39 11.51 -28.08
C SER B 211 -13.88 11.73 -27.84
N ASN B 212 -14.69 11.74 -28.90
CA ASN B 212 -16.13 11.86 -28.75
C ASN B 212 -16.87 10.54 -28.88
N LEU B 213 -16.17 9.42 -28.82
CA LEU B 213 -16.81 8.11 -28.89
C LEU B 213 -17.63 7.84 -27.63
N LEU B 214 -18.61 6.95 -27.79
CA LEU B 214 -19.57 6.65 -26.74
C LEU B 214 -19.25 5.33 -26.05
N TYR B 215 -19.41 5.32 -24.73
CA TYR B 215 -19.17 4.13 -23.92
C TYR B 215 -20.30 3.92 -22.92
N GLN B 216 -20.35 2.72 -22.36
CA GLN B 216 -21.38 2.34 -21.42
C GLN B 216 -20.78 1.51 -20.31
N PHE B 217 -21.51 1.41 -19.21
CA PHE B 217 -21.20 0.41 -18.20
C PHE B 217 -21.73 -0.95 -18.68
N ARG B 218 -20.82 -1.92 -18.81
CA ARG B 218 -21.27 -3.29 -19.10
C ARG B 218 -21.79 -3.94 -17.82
N MET B 219 -21.14 -3.65 -16.69
CA MET B 219 -21.52 -4.14 -15.38
C MET B 219 -22.68 -3.31 -14.87
N ASN B 220 -23.82 -3.95 -14.61
CA ASN B 220 -24.98 -3.26 -14.05
C ASN B 220 -24.99 -3.50 -12.55
N PHE B 221 -24.32 -2.59 -11.82
CA PHE B 221 -24.10 -2.79 -10.40
C PHE B 221 -25.42 -2.78 -9.64
N ARG B 222 -25.54 -3.68 -8.67
CA ARG B 222 -26.72 -3.72 -7.80
C ARG B 222 -26.50 -2.88 -6.54
N ARG B 223 -27.60 -2.56 -5.87
CA ARG B 223 -27.53 -1.71 -4.69
C ARG B 223 -26.60 -2.34 -3.65
N ARG B 224 -25.96 -1.47 -2.86
CA ARG B 224 -25.11 -1.94 -1.77
C ARG B 224 -25.86 -2.89 -0.86
N ARG B 225 -25.15 -3.90 -0.37
CA ARG B 225 -25.73 -4.88 0.56
C ARG B 225 -25.89 -4.25 1.92
N ARG B 226 -26.97 -4.60 2.60
CA ARG B 226 -27.06 -4.37 4.02
C ARG B 226 -26.23 -5.41 4.74
N LEU B 227 -25.87 -5.12 5.99
CA LEU B 227 -25.08 -6.08 6.76
C LEU B 227 -25.78 -7.43 6.80
N MET B 228 -27.09 -7.43 7.02
CA MET B 228 -27.83 -8.67 7.16
C MET B 228 -27.84 -9.48 5.87
N GLU B 229 -27.49 -8.86 4.74
CA GLU B 229 -27.48 -9.55 3.46
C GLU B 229 -26.13 -10.12 3.08
N LEU B 230 -25.12 -10.02 3.94
CA LEU B 230 -23.79 -10.46 3.55
C LEU B 230 -23.56 -11.92 3.88
#